data_5FAH
#
_entry.id   5FAH
#
_cell.length_a   42.611
_cell.length_b   60.343
_cell.length_c   80.633
_cell.angle_alpha   90.00
_cell.angle_beta   90.00
_cell.angle_gamma   90.00
#
_symmetry.space_group_name_H-M   'P 21 21 21'
#
loop_
_entity.id
_entity.type
_entity.pdbx_description
1 polymer Kallikrein-7
2 non-polymer 'ACETATE ION'
3 non-polymer (2~{S})-~{N}2-[2-(4-methoxyphenyl)ethyl]-~{N}1-(naphthalen-1-ylmethyl)pyrrolidine-1,2-dicarboxamide
4 water water
#
_entity_poly.entity_id   1
_entity_poly.type   'polypeptide(L)'
_entity_poly.pdbx_seq_one_letter_code
;IIDGAPCARGSHPWQVALLSGNQLHCGGVLVNERWVLTAAHCKMNEYTVHLGSDTLGDRRAQRIKASKSFRHPGYSTQTH
VNDLMLVKLNSQARLSSMVKKVRLPSRCEPPGTTCTVSGWGTTTSPDVTFPSDLMCVDVKLISPQDCTKVRKDLLENSML
CAGIPDSKKNACNGDSGGPLVCRGTLQGLVSWGTFPCGQPNDPGVYTQVCKFTKWINDTMKKHR
;
_entity_poly.pdbx_strand_id   A
#
# COMPACT_ATOMS: atom_id res chain seq x y z
N ILE A 1 -9.23 -3.80 4.59
CA ILE A 1 -8.92 -5.24 4.35
C ILE A 1 -10.17 -6.07 4.69
N ILE A 2 -10.54 -6.99 3.79
CA ILE A 2 -11.68 -7.88 3.99
C ILE A 2 -11.22 -9.24 4.43
N ASP A 3 -11.83 -9.75 5.52
CA ASP A 3 -11.63 -11.11 6.05
C ASP A 3 -10.22 -11.37 6.52
N GLY A 4 -9.60 -10.33 7.07
CA GLY A 4 -8.28 -10.43 7.67
C GLY A 4 -8.37 -10.43 9.17
N ALA A 5 -7.28 -10.02 9.80
CA ALA A 5 -7.17 -10.04 11.26
C ALA A 5 -6.15 -8.98 11.63
N PRO A 6 -6.15 -8.47 12.88
CA PRO A 6 -5.12 -7.48 13.23
C PRO A 6 -3.71 -8.03 12.99
N CYS A 7 -2.84 -7.23 12.40
CA CYS A 7 -1.44 -7.65 12.18
C CYS A 7 -0.79 -7.81 13.54
N ALA A 8 0.18 -8.73 13.64
CA ALA A 8 0.97 -8.86 14.88
C ALA A 8 1.62 -7.50 15.20
N ARG A 9 1.48 -6.98 16.44
CA ARG A 9 2.02 -5.66 16.78
C ARG A 9 3.51 -5.56 16.48
N GLY A 10 3.92 -4.47 15.85
CA GLY A 10 5.31 -4.22 15.50
C GLY A 10 5.88 -4.92 14.29
N SER A 11 5.05 -5.69 13.54
CA SER A 11 5.51 -6.44 12.39
C SER A 11 5.45 -5.64 11.07
N HIS A 12 4.93 -4.40 11.13
CA HIS A 12 4.85 -3.54 9.93
C HIS A 12 5.43 -2.19 10.17
N PRO A 13 6.71 -2.12 10.60
CA PRO A 13 7.30 -0.81 10.92
C PRO A 13 7.56 0.07 9.71
N TRP A 14 7.49 -0.54 8.53
CA TRP A 14 7.64 0.18 7.27
C TRP A 14 6.32 0.65 6.70
N GLN A 15 5.17 0.27 7.30
N GLN A 15 5.23 0.33 7.34
CA GLN A 15 3.84 0.72 6.88
CA GLN A 15 3.98 0.78 6.81
C GLN A 15 3.64 2.15 7.32
C GLN A 15 3.58 2.15 7.35
N VAL A 16 3.04 2.98 6.46
CA VAL A 16 2.58 4.30 6.82
C VAL A 16 1.14 4.43 6.39
N ALA A 17 0.47 5.49 6.89
CA ALA A 17 -0.83 5.90 6.37
C ALA A 17 -0.73 7.32 5.88
N LEU A 18 -1.41 7.62 4.80
CA LEU A 18 -1.54 8.98 4.29
C LEU A 18 -2.89 9.47 4.69
N LEU A 19 -2.91 10.55 5.47
CA LEU A 19 -4.13 11.12 5.98
C LEU A 19 -4.38 12.46 5.36
N SER A 20 -5.67 12.78 5.25
CA SER A 20 -6.11 14.11 4.88
C SER A 20 -6.52 14.72 6.25
N GLY A 21 -5.63 15.49 6.88
CA GLY A 21 -5.84 15.97 8.23
C GLY A 21 -5.64 14.76 9.15
N ASN A 22 -6.73 14.26 9.72
CA ASN A 22 -6.69 13.04 10.54
C ASN A 22 -7.55 11.92 9.91
N GLN A 23 -8.04 12.11 8.67
CA GLN A 23 -8.87 11.11 8.00
C GLN A 23 -8.01 10.21 7.12
N LEU A 24 -8.18 8.90 7.26
CA LEU A 24 -7.44 7.98 6.40
C LEU A 24 -7.74 8.26 4.92
N HIS A 25 -6.68 8.30 4.13
CA HIS A 25 -6.83 8.41 2.68
C HIS A 25 -6.26 7.17 1.98
N CYS A 26 -5.05 6.77 2.32
CA CYS A 26 -4.39 5.63 1.66
C CYS A 26 -3.38 5.01 2.59
N GLY A 27 -2.89 3.85 2.23
CA GLY A 27 -1.71 3.27 2.80
C GLY A 27 -0.46 3.69 2.03
N GLY A 28 0.69 3.26 2.52
CA GLY A 28 1.97 3.49 1.86
C GLY A 28 3.06 2.78 2.58
N VAL A 29 4.27 2.94 2.08
CA VAL A 29 5.45 2.38 2.74
C VAL A 29 6.54 3.42 2.85
N LEU A 30 7.34 3.31 3.89
CA LEU A 30 8.47 4.20 4.05
C LEU A 30 9.65 3.66 3.26
N VAL A 31 10.14 4.41 2.27
CA VAL A 31 11.30 3.99 1.48
C VAL A 31 12.58 4.35 2.21
N ASN A 32 12.64 5.59 2.69
CA ASN A 32 13.79 6.04 3.46
C ASN A 32 13.30 7.22 4.31
N GLU A 33 14.20 7.88 5.05
CA GLU A 33 13.80 8.93 5.98
C GLU A 33 13.06 10.10 5.33
N ARG A 34 13.19 10.29 4.01
N ARG A 34 13.19 10.24 4.03
CA ARG A 34 12.51 11.41 3.35
CA ARG A 34 12.59 11.35 3.31
C ARG A 34 11.41 11.04 2.36
C ARG A 34 11.40 11.01 2.42
N TRP A 35 11.17 9.72 2.11
CA TRP A 35 10.26 9.32 1.07
C TRP A 35 9.32 8.22 1.42
N VAL A 36 8.08 8.39 0.95
CA VAL A 36 7.03 7.38 1.05
C VAL A 36 6.61 6.96 -0.34
N LEU A 37 6.36 5.69 -0.54
CA LEU A 37 5.85 5.14 -1.79
C LEU A 37 4.39 4.74 -1.56
N THR A 38 3.52 5.13 -2.47
CA THR A 38 2.09 4.88 -2.42
C THR A 38 1.54 4.77 -3.86
N ALA A 39 0.21 4.80 -3.99
CA ALA A 39 -0.44 4.76 -5.29
C ALA A 39 -0.63 6.17 -5.86
N ALA A 40 -0.58 6.29 -7.17
CA ALA A 40 -0.87 7.56 -7.82
C ALA A 40 -2.33 8.03 -7.63
N HIS A 41 -3.25 7.09 -7.43
CA HIS A 41 -4.63 7.43 -7.18
C HIS A 41 -4.82 8.19 -5.86
N CYS A 42 -3.80 8.14 -5.00
CA CYS A 42 -3.81 8.77 -3.68
C CYS A 42 -3.45 10.23 -3.69
N LYS A 43 -3.16 10.79 -4.88
CA LYS A 43 -2.72 12.17 -4.98
C LYS A 43 -3.60 13.14 -4.23
N MET A 44 -2.94 14.02 -3.48
CA MET A 44 -3.58 15.14 -2.82
C MET A 44 -2.64 16.33 -2.88
N ASN A 45 -3.17 17.52 -2.60
CA ASN A 45 -2.34 18.73 -2.58
C ASN A 45 -1.29 18.65 -1.49
N GLU A 46 -1.60 17.99 -0.40
CA GLU A 46 -0.68 17.75 0.71
C GLU A 46 -1.18 16.58 1.50
N TYR A 47 -0.34 16.08 2.40
CA TYR A 47 -0.65 14.90 3.20
C TYR A 47 -0.17 15.08 4.62
N THR A 48 -0.78 14.35 5.54
CA THR A 48 -0.19 14.13 6.87
C THR A 48 0.15 12.63 6.88
N VAL A 49 1.41 12.32 7.10
CA VAL A 49 1.84 10.94 7.11
C VAL A 49 1.92 10.42 8.53
N HIS A 50 1.26 9.29 8.77
CA HIS A 50 1.32 8.56 10.04
C HIS A 50 2.37 7.48 9.92
N LEU A 51 3.26 7.40 10.91
CA LEU A 51 4.28 6.36 10.99
C LEU A 51 4.41 5.87 12.41
N GLY A 52 4.93 4.66 12.55
CA GLY A 52 5.35 4.22 13.87
C GLY A 52 4.31 3.69 14.80
N SER A 53 3.16 3.29 14.29
CA SER A 53 2.16 2.60 15.12
C SER A 53 1.22 1.83 14.27
N ASP A 54 0.78 0.70 14.78
CA ASP A 54 -0.28 -0.06 14.13
C ASP A 54 -1.65 0.56 14.41
N THR A 55 -1.73 1.59 15.29
CA THR A 55 -3.01 2.21 15.62
C THR A 55 -3.08 3.65 15.12
N LEU A 56 -4.05 3.95 14.23
CA LEU A 56 -4.25 5.35 13.80
C LEU A 56 -4.71 6.20 15.01
N GLY A 57 -4.19 7.40 15.14
CA GLY A 57 -4.49 8.30 16.25
C GLY A 57 -3.68 8.02 17.50
N ASP A 58 -2.86 6.96 17.53
CA ASP A 58 -2.02 6.67 18.68
C ASP A 58 -1.18 7.90 19.01
N ARG A 59 -1.23 8.35 20.26
CA ARG A 59 -0.42 9.51 20.63
C ARG A 59 1.08 9.27 20.45
N ARG A 60 1.53 8.02 20.45
CA ARG A 60 2.96 7.70 20.26
C ARG A 60 3.34 7.68 18.79
N ALA A 61 2.39 7.74 17.87
CA ALA A 61 2.75 7.71 16.46
C ALA A 61 3.45 9.01 16.04
N GLN A 62 4.24 8.95 15.00
CA GLN A 62 4.79 10.12 14.36
C GLN A 62 3.81 10.58 13.29
N ARG A 63 3.60 11.90 13.21
CA ARG A 63 2.82 12.54 12.16
C ARG A 63 3.75 13.54 11.50
N ILE A 64 3.86 13.53 10.15
CA ILE A 64 4.75 14.41 9.41
C ILE A 64 3.99 14.97 8.24
N LYS A 65 4.07 16.29 8.06
CA LYS A 65 3.46 16.92 6.91
C LYS A 65 4.29 16.61 5.65
N ALA A 66 3.62 16.40 4.51
CA ALA A 66 4.28 16.20 3.23
C ALA A 66 3.57 17.05 2.20
N SER A 67 4.30 18.00 1.63
CA SER A 67 3.75 18.95 0.67
C SER A 67 3.86 18.48 -0.78
N LYS A 68 4.95 17.82 -1.14
CA LYS A 68 5.26 17.43 -2.52
C LYS A 68 5.05 15.98 -2.81
N SER A 69 4.59 15.68 -4.01
CA SER A 69 4.45 14.31 -4.45
C SER A 69 4.60 14.22 -5.95
N PHE A 70 5.02 13.05 -6.43
CA PHE A 70 5.45 12.83 -7.81
C PHE A 70 4.90 11.50 -8.28
N ARG A 71 3.98 11.57 -9.22
N ARG A 71 3.86 11.53 -9.13
CA ARG A 71 3.39 10.38 -9.81
CA ARG A 71 3.25 10.32 -9.71
C ARG A 71 4.32 9.82 -10.85
C ARG A 71 4.10 9.84 -10.89
N HIS A 72 4.19 8.52 -11.10
CA HIS A 72 4.87 7.90 -12.22
C HIS A 72 4.24 8.54 -13.49
N PRO A 73 5.07 8.91 -14.47
CA PRO A 73 4.55 9.64 -15.65
C PRO A 73 3.52 8.94 -16.52
N GLY A 74 3.46 7.63 -16.45
CA GLY A 74 2.51 6.93 -17.32
C GLY A 74 1.15 6.66 -16.67
N TYR A 75 0.83 7.30 -15.51
CA TYR A 75 -0.39 6.95 -14.79
C TYR A 75 -1.65 7.24 -15.56
N SER A 76 -2.52 6.23 -15.64
CA SER A 76 -3.83 6.32 -16.27
C SER A 76 -4.92 6.19 -15.21
N THR A 77 -5.79 7.19 -15.15
CA THR A 77 -6.96 7.15 -14.28
C THR A 77 -7.95 6.04 -14.77
N GLN A 78 -7.98 5.75 -16.08
CA GLN A 78 -8.89 4.77 -16.67
C GLN A 78 -8.45 3.30 -16.53
N THR A 79 -7.19 3.00 -16.90
CA THR A 79 -6.67 1.64 -16.92
C THR A 79 -5.92 1.24 -15.64
N HIS A 80 -5.60 2.22 -14.78
CA HIS A 80 -4.85 1.99 -13.55
C HIS A 80 -3.39 1.64 -13.78
N VAL A 81 -2.90 1.72 -15.03
CA VAL A 81 -1.49 1.44 -15.25
C VAL A 81 -0.64 2.50 -14.56
N ASN A 82 0.53 2.09 -14.14
CA ASN A 82 1.52 2.97 -13.51
C ASN A 82 0.98 3.69 -12.27
N ASP A 83 0.23 2.95 -11.47
CA ASP A 83 -0.40 3.51 -10.28
C ASP A 83 0.57 3.59 -9.11
N LEU A 84 1.57 4.44 -9.22
CA LEU A 84 2.51 4.62 -8.13
C LEU A 84 2.95 6.06 -8.07
N MET A 85 3.35 6.47 -6.87
CA MET A 85 3.67 7.84 -6.55
C MET A 85 4.62 7.91 -5.38
N LEU A 86 5.56 8.84 -5.44
CA LEU A 86 6.45 9.09 -4.33
C LEU A 86 6.03 10.38 -3.62
N VAL A 87 5.97 10.35 -2.29
CA VAL A 87 5.57 11.46 -1.45
C VAL A 87 6.78 11.88 -0.66
N LYS A 88 7.14 13.15 -0.76
CA LYS A 88 8.33 13.65 -0.10
C LYS A 88 7.96 14.23 1.26
N LEU A 89 8.48 13.67 2.34
CA LEU A 89 8.19 14.20 3.68
C LEU A 89 8.84 15.56 3.85
N ASN A 90 8.18 16.47 4.57
CA ASN A 90 8.75 17.82 4.77
C ASN A 90 9.90 17.83 5.75
N SER A 91 9.86 16.86 6.70
N SER A 91 9.98 16.78 6.56
CA SER A 91 10.88 16.66 7.74
CA SER A 91 11.04 16.59 7.52
C SER A 91 11.17 15.16 7.81
C SER A 91 11.35 15.12 7.54
N GLN A 92 12.44 14.76 8.16
CA GLN A 92 12.82 13.35 8.19
C GLN A 92 12.05 12.53 9.16
N ALA A 93 11.67 11.31 8.76
CA ALA A 93 11.10 10.33 9.67
C ALA A 93 12.19 9.94 10.65
N ARG A 94 11.83 9.79 11.91
CA ARG A 94 12.75 9.33 12.94
C ARG A 94 12.68 7.81 12.97
N LEU A 95 13.78 7.12 12.63
CA LEU A 95 13.83 5.67 12.55
C LEU A 95 14.01 5.06 13.91
N SER A 96 13.46 3.84 14.07
CA SER A 96 13.53 3.06 15.31
C SER A 96 12.99 1.64 15.08
N SER A 97 12.81 0.84 16.16
CA SER A 97 12.21 -0.48 16.03
C SER A 97 10.77 -0.39 15.46
N MET A 98 10.09 0.78 15.61
CA MET A 98 8.72 0.98 15.11
C MET A 98 8.63 1.72 13.79
N VAL A 99 9.77 2.26 13.28
CA VAL A 99 9.81 2.99 12.00
C VAL A 99 11.05 2.50 11.25
N LYS A 100 10.85 1.74 10.20
CA LYS A 100 11.91 1.09 9.45
C LYS A 100 11.73 1.28 7.99
N LYS A 101 12.82 1.32 7.25
CA LYS A 101 12.74 1.39 5.79
C LYS A 101 12.25 0.04 5.25
N VAL A 102 11.39 0.09 4.25
CA VAL A 102 10.92 -1.14 3.61
C VAL A 102 12.03 -1.80 2.81
N ARG A 103 11.94 -3.12 2.66
CA ARG A 103 12.86 -3.84 1.79
C ARG A 103 12.26 -3.92 0.39
N LEU A 104 12.84 -3.17 -0.52
CA LEU A 104 12.42 -3.17 -1.92
C LEU A 104 12.90 -4.44 -2.60
N PRO A 105 12.20 -4.89 -3.66
CA PRO A 105 12.55 -6.16 -4.28
C PRO A 105 13.73 -6.07 -5.22
N SER A 106 14.46 -7.19 -5.32
CA SER A 106 15.55 -7.35 -6.29
C SER A 106 15.09 -8.29 -7.42
N ARG A 107 13.99 -9.03 -7.19
CA ARG A 107 13.42 -9.97 -8.14
C ARG A 107 11.90 -9.94 -8.03
N CYS A 108 11.22 -10.46 -9.06
CA CYS A 108 9.76 -10.56 -9.08
C CYS A 108 9.34 -11.92 -8.56
N GLU A 109 8.55 -11.94 -7.50
CA GLU A 109 8.04 -13.22 -7.00
C GLU A 109 6.96 -13.73 -7.96
N PRO A 110 6.95 -15.04 -8.24
CA PRO A 110 6.00 -15.54 -9.26
C PRO A 110 4.59 -15.79 -8.74
N PRO A 111 3.62 -15.84 -9.68
CA PRO A 111 2.29 -16.38 -9.35
C PRO A 111 2.39 -17.67 -8.54
N GLY A 112 1.50 -17.80 -7.58
CA GLY A 112 1.45 -18.95 -6.69
C GLY A 112 2.13 -18.71 -5.37
N THR A 113 2.86 -17.62 -5.24
CA THR A 113 3.51 -17.28 -3.99
C THR A 113 2.49 -16.72 -2.99
N THR A 114 2.56 -17.16 -1.73
CA THR A 114 1.74 -16.58 -0.64
C THR A 114 2.37 -15.27 -0.17
N CYS A 115 1.54 -14.26 -0.03
CA CYS A 115 1.95 -12.93 0.38
C CYS A 115 0.99 -12.39 1.42
N THR A 116 1.34 -11.24 2.00
CA THR A 116 0.46 -10.59 2.98
C THR A 116 0.20 -9.15 2.56
N VAL A 117 -1.06 -8.74 2.56
N VAL A 117 -1.05 -8.74 2.62
CA VAL A 117 -1.48 -7.37 2.30
CA VAL A 117 -1.49 -7.38 2.34
C VAL A 117 -2.03 -6.77 3.60
C VAL A 117 -1.95 -6.80 3.66
N SER A 118 -1.69 -5.50 3.85
CA SER A 118 -2.05 -4.85 5.09
C SER A 118 -2.60 -3.46 4.88
N GLY A 119 -3.48 -3.04 5.77
CA GLY A 119 -4.02 -1.70 5.67
C GLY A 119 -5.04 -1.39 6.72
N TRP A 120 -5.43 -0.10 6.74
CA TRP A 120 -6.46 0.41 7.64
C TRP A 120 -7.75 0.70 6.89
N GLY A 121 -7.89 0.16 5.68
CA GLY A 121 -9.11 0.37 4.91
C GLY A 121 -10.31 -0.33 5.52
N THR A 122 -11.45 -0.11 4.91
CA THR A 122 -12.69 -0.70 5.43
C THR A 122 -12.62 -2.22 5.49
N THR A 123 -13.27 -2.76 6.54
CA THR A 123 -13.39 -4.20 6.75
C THR A 123 -14.71 -4.71 6.27
N THR A 124 -15.60 -3.83 5.85
CA THR A 124 -16.93 -4.15 5.37
C THR A 124 -17.17 -3.49 4.03
N SER A 125 -18.15 -4.00 3.28
CA SER A 125 -18.52 -3.37 2.02
C SER A 125 -19.90 -3.88 1.62
N PRO A 126 -20.81 -3.00 1.14
CA PRO A 126 -20.62 -1.59 0.80
C PRO A 126 -20.59 -0.61 1.97
N ASP A 127 -21.07 -1.02 3.18
CA ASP A 127 -21.00 -0.17 4.35
C ASP A 127 -19.54 0.02 4.70
N VAL A 128 -19.12 1.24 5.05
N VAL A 128 -19.17 1.21 5.15
CA VAL A 128 -17.73 1.42 5.46
CA VAL A 128 -17.81 1.62 5.51
C VAL A 128 -17.61 1.29 6.96
C VAL A 128 -17.52 1.45 7.02
N THR A 129 -16.53 0.62 7.37
CA THR A 129 -16.15 0.41 8.78
C THR A 129 -14.65 0.45 8.82
N PHE A 130 -14.09 1.53 9.37
CA PHE A 130 -12.65 1.77 9.38
C PHE A 130 -12.00 1.34 10.68
N PRO A 131 -11.12 0.34 10.65
CA PRO A 131 -10.50 -0.12 11.90
C PRO A 131 -9.39 0.80 12.38
N SER A 132 -9.21 0.92 13.68
N SER A 132 -9.22 0.93 13.68
CA SER A 132 -8.08 1.70 14.17
CA SER A 132 -8.10 1.70 14.20
C SER A 132 -6.80 0.88 14.07
C SER A 132 -6.81 0.89 14.07
N ASP A 133 -6.90 -0.46 14.21
CA ASP A 133 -5.73 -1.33 14.15
C ASP A 133 -5.45 -1.82 12.76
N LEU A 134 -4.18 -1.83 12.40
CA LEU A 134 -3.74 -2.30 11.10
C LEU A 134 -4.16 -3.75 10.91
N MET A 135 -4.77 -4.05 9.77
CA MET A 135 -5.27 -5.39 9.46
C MET A 135 -4.41 -6.02 8.39
N CYS A 136 -4.34 -7.36 8.42
CA CYS A 136 -3.50 -8.19 7.56
C CYS A 136 -4.33 -9.31 6.99
N VAL A 137 -4.04 -9.71 5.75
CA VAL A 137 -4.62 -10.92 5.19
C VAL A 137 -3.61 -11.55 4.26
N ASP A 138 -3.58 -12.89 4.24
CA ASP A 138 -2.68 -13.63 3.33
C ASP A 138 -3.42 -13.99 2.05
N VAL A 139 -2.79 -13.73 0.92
CA VAL A 139 -3.34 -13.97 -0.40
C VAL A 139 -2.25 -14.52 -1.29
N LYS A 140 -2.64 -15.16 -2.38
CA LYS A 140 -1.70 -15.75 -3.30
C LYS A 140 -1.60 -14.91 -4.57
N LEU A 141 -0.39 -14.74 -5.11
CA LEU A 141 -0.18 -14.00 -6.34
C LEU A 141 -0.80 -14.70 -7.53
N ILE A 142 -1.41 -13.90 -8.41
CA ILE A 142 -2.12 -14.32 -9.60
C ILE A 142 -1.54 -13.51 -10.75
N SER A 143 -1.18 -14.18 -11.84
N SER A 143 -1.17 -14.18 -11.84
CA SER A 143 -0.66 -13.52 -13.02
CA SER A 143 -0.65 -13.49 -13.00
C SER A 143 -1.75 -12.59 -13.61
C SER A 143 -1.76 -12.56 -13.58
N PRO A 144 -1.38 -11.43 -14.21
CA PRO A 144 -2.41 -10.57 -14.84
C PRO A 144 -3.15 -11.32 -15.96
N GLN A 145 -2.48 -12.28 -16.63
CA GLN A 145 -3.13 -13.07 -17.69
C GLN A 145 -4.25 -13.96 -17.12
N ASP A 146 -4.17 -14.32 -15.84
CA ASP A 146 -5.19 -15.14 -15.16
C ASP A 146 -6.19 -14.29 -14.43
N CYS A 147 -6.04 -12.98 -14.50
CA CYS A 147 -6.89 -12.04 -13.80
C CYS A 147 -7.77 -11.35 -14.82
N THR A 148 -9.03 -11.80 -14.91
CA THR A 148 -9.99 -11.33 -15.92
C THR A 148 -10.19 -9.83 -15.93
N LYS A 149 -10.21 -9.20 -14.74
CA LYS A 149 -10.45 -7.75 -14.69
C LYS A 149 -9.28 -6.89 -15.20
N VAL A 150 -8.09 -7.47 -15.35
CA VAL A 150 -6.93 -6.72 -15.87
C VAL A 150 -7.03 -6.69 -17.41
N ASN A 157 1.57 -5.94 -17.90
CA ASN A 157 2.89 -6.50 -17.60
C ASN A 157 3.54 -5.84 -16.38
N SER A 158 2.80 -4.96 -15.70
CA SER A 158 3.31 -4.38 -14.47
C SER A 158 2.25 -4.36 -13.38
N MET A 159 1.21 -5.17 -13.53
CA MET A 159 0.20 -5.36 -12.51
C MET A 159 0.12 -6.84 -12.14
N LEU A 160 -0.32 -7.10 -10.93
CA LEU A 160 -0.51 -8.44 -10.40
C LEU A 160 -1.91 -8.49 -9.81
N CYS A 161 -2.48 -9.68 -9.64
CA CYS A 161 -3.67 -9.82 -8.82
C CYS A 161 -3.31 -10.70 -7.63
N ALA A 162 -4.16 -10.70 -6.62
CA ALA A 162 -3.91 -11.60 -5.49
C ALA A 162 -5.20 -11.97 -4.81
N GLY A 163 -5.34 -13.21 -4.42
CA GLY A 163 -6.53 -13.70 -3.75
C GLY A 163 -6.35 -15.14 -3.37
N ILE A 164 -7.40 -15.71 -2.77
CA ILE A 164 -7.47 -17.12 -2.37
C ILE A 164 -8.68 -17.70 -3.09
N PRO A 165 -8.56 -18.85 -3.79
CA PRO A 165 -9.74 -19.41 -4.46
C PRO A 165 -10.89 -19.59 -3.49
N ASP A 166 -12.09 -19.21 -3.94
CA ASP A 166 -13.35 -19.34 -3.20
C ASP A 166 -13.35 -18.59 -1.86
N SER A 167 -12.52 -17.54 -1.74
CA SER A 167 -12.42 -16.76 -0.52
C SER A 167 -12.69 -15.30 -0.78
N LYS A 168 -13.22 -14.61 0.21
CA LYS A 168 -13.50 -13.18 0.16
C LYS A 168 -12.26 -12.33 0.41
N LYS A 169 -11.16 -12.91 0.94
CA LYS A 169 -9.96 -12.18 1.36
C LYS A 169 -9.47 -11.21 0.30
N ASN A 170 -9.33 -9.95 0.68
CA ASN A 170 -8.96 -8.93 -0.31
C ASN A 170 -8.68 -7.61 0.40
N ALA A 171 -8.30 -6.60 -0.39
CA ALA A 171 -8.16 -5.22 0.05
C ALA A 171 -9.47 -4.48 -0.29
N CYS A 172 -9.63 -3.25 0.22
CA CYS A 172 -10.85 -2.46 -0.05
C CYS A 172 -10.52 -0.96 0.10
N ASN A 173 -11.54 -0.09 0.13
N ASN A 173 -11.51 -0.09 -0.10
CA ASN A 173 -11.38 1.36 0.29
CA ASN A 173 -11.27 1.35 -0.04
C ASN A 173 -10.54 1.77 1.44
C ASN A 173 -10.55 1.68 1.26
N GLY A 174 -9.54 2.54 1.13
CA GLY A 174 -8.64 2.98 2.18
C GLY A 174 -7.33 2.20 2.19
N ASP A 175 -7.29 1.07 1.48
CA ASP A 175 -6.08 0.24 1.42
C ASP A 175 -5.15 0.61 0.28
N SER A 176 -5.61 1.39 -0.71
CA SER A 176 -4.76 1.77 -1.85
C SER A 176 -3.42 2.28 -1.40
N GLY A 177 -2.39 1.87 -2.11
CA GLY A 177 -1.05 2.33 -1.82
C GLY A 177 -0.29 1.54 -0.78
N GLY A 178 -1.00 0.69 -0.05
CA GLY A 178 -0.39 -0.13 0.98
C GLY A 178 0.29 -1.37 0.41
N PRO A 179 1.06 -2.03 1.26
CA PRO A 179 1.99 -3.08 0.80
C PRO A 179 1.44 -4.48 0.67
N LEU A 180 1.88 -5.16 -0.36
CA LEU A 180 1.73 -6.60 -0.56
C LEU A 180 3.18 -7.10 -0.44
N VAL A 181 3.47 -7.86 0.61
N VAL A 181 3.45 -7.90 0.61
CA VAL A 181 4.82 -8.34 0.84
CA VAL A 181 4.79 -8.37 0.95
C VAL A 181 4.86 -9.84 0.69
C VAL A 181 4.88 -9.87 0.79
N CYS A 182 5.96 -10.34 0.13
CA CYS A 182 6.17 -11.77 -0.09
C CYS A 182 7.59 -12.06 0.27
N ARG A 183 7.81 -13.11 1.04
CA ARG A 183 9.18 -13.56 1.37
C ARG A 183 10.10 -12.41 1.83
N GLY A 184 9.54 -11.51 2.64
CA GLY A 184 10.28 -10.37 3.20
C GLY A 184 10.52 -9.15 2.33
N THR A 185 9.97 -9.13 1.11
CA THR A 185 10.17 -7.98 0.25
C THR A 185 8.86 -7.42 -0.21
N LEU A 186 8.89 -6.14 -0.51
CA LEU A 186 7.73 -5.48 -1.08
C LEU A 186 7.53 -5.94 -2.54
N GLN A 187 6.39 -6.54 -2.86
CA GLN A 187 6.12 -6.98 -4.23
C GLN A 187 4.99 -6.21 -4.87
N GLY A 188 4.06 -5.66 -4.10
CA GLY A 188 2.95 -4.95 -4.72
C GLY A 188 2.52 -3.79 -3.88
N LEU A 189 1.81 -2.88 -4.52
CA LEU A 189 1.06 -1.81 -3.86
C LEU A 189 -0.39 -2.00 -4.25
N VAL A 190 -1.29 -1.93 -3.28
CA VAL A 190 -2.72 -2.04 -3.59
C VAL A 190 -3.11 -0.98 -4.63
N SER A 191 -3.85 -1.38 -5.66
CA SER A 191 -4.32 -0.45 -6.67
C SER A 191 -5.83 -0.37 -6.75
N TRP A 192 -6.53 -1.43 -7.16
CA TRP A 192 -7.95 -1.29 -7.33
C TRP A 192 -8.60 -2.67 -7.38
N GLY A 193 -9.92 -2.68 -7.38
CA GLY A 193 -10.70 -3.89 -7.55
C GLY A 193 -12.17 -3.55 -7.59
N THR A 194 -12.99 -4.60 -7.60
CA THR A 194 -14.43 -4.47 -7.71
C THR A 194 -15.06 -3.87 -6.48
N PHE A 195 -16.13 -3.10 -6.69
CA PHE A 195 -16.94 -2.58 -5.61
C PHE A 195 -18.40 -3.05 -5.85
N PRO A 196 -19.10 -3.60 -4.84
CA PRO A 196 -18.61 -3.81 -3.46
C PRO A 196 -17.47 -4.81 -3.35
N CYS A 197 -16.67 -4.61 -2.32
CA CYS A 197 -15.54 -5.46 -1.99
C CYS A 197 -15.97 -6.81 -1.47
N GLY A 198 -14.98 -7.71 -1.37
CA GLY A 198 -15.14 -8.98 -0.69
C GLY A 198 -15.92 -10.07 -1.38
N GLN A 199 -16.12 -10.00 -2.69
CA GLN A 199 -16.81 -11.11 -3.37
C GLN A 199 -15.78 -12.25 -3.57
N PRO A 200 -16.12 -13.55 -3.44
CA PRO A 200 -15.11 -14.60 -3.71
C PRO A 200 -14.74 -14.62 -5.18
N ASN A 201 -13.52 -15.07 -5.49
CA ASN A 201 -13.02 -15.20 -6.86
C ASN A 201 -13.11 -13.87 -7.62
N ASP A 202 -12.73 -12.77 -6.93
CA ASP A 202 -12.79 -11.43 -7.50
C ASP A 202 -11.54 -10.71 -7.01
N PRO A 203 -10.35 -11.15 -7.45
CA PRO A 203 -9.11 -10.69 -6.83
C PRO A 203 -8.78 -9.24 -7.06
N GLY A 204 -8.18 -8.64 -6.05
CA GLY A 204 -7.70 -7.27 -6.15
C GLY A 204 -6.46 -7.15 -7.02
N VAL A 205 -6.24 -5.96 -7.53
CA VAL A 205 -5.17 -5.63 -8.44
C VAL A 205 -4.15 -4.77 -7.73
N TYR A 206 -2.89 -5.03 -8.02
CA TYR A 206 -1.73 -4.42 -7.42
C TYR A 206 -0.76 -3.94 -8.45
N THR A 207 -0.04 -2.88 -8.15
CA THR A 207 1.09 -2.43 -8.95
C THR A 207 2.27 -3.35 -8.60
N GLN A 208 2.95 -3.90 -9.63
CA GLN A 208 4.06 -4.84 -9.43
C GLN A 208 5.35 -4.07 -9.24
N VAL A 209 5.77 -3.90 -7.99
CA VAL A 209 6.87 -3.03 -7.58
C VAL A 209 8.21 -3.37 -8.25
N CYS A 210 8.48 -4.66 -8.46
CA CYS A 210 9.76 -5.09 -9.06
C CYS A 210 9.98 -4.53 -10.47
N LYS A 211 8.93 -4.03 -11.13
CA LYS A 211 9.02 -3.47 -12.48
C LYS A 211 9.36 -1.96 -12.44
N PHE A 212 9.46 -1.35 -11.25
CA PHE A 212 9.64 0.10 -11.13
C PHE A 212 10.86 0.51 -10.34
N THR A 213 11.83 -0.40 -10.25
CA THR A 213 13.09 -0.18 -9.52
C THR A 213 13.79 1.11 -9.92
N LYS A 214 13.97 1.26 -11.21
CA LYS A 214 14.68 2.40 -11.77
C LYS A 214 13.91 3.69 -11.48
N TRP A 215 12.61 3.69 -11.76
CA TRP A 215 11.82 4.89 -11.55
C TRP A 215 11.86 5.33 -10.07
N ILE A 216 11.69 4.40 -9.15
CA ILE A 216 11.70 4.79 -7.74
C ILE A 216 13.02 5.44 -7.34
N ASN A 217 14.13 4.76 -7.65
CA ASN A 217 15.45 5.28 -7.28
C ASN A 217 15.74 6.61 -7.95
N ASP A 218 15.47 6.71 -9.24
CA ASP A 218 15.78 7.92 -10.01
C ASP A 218 14.92 9.10 -9.60
N THR A 219 13.63 8.88 -9.34
CA THR A 219 12.76 9.99 -8.93
C THR A 219 13.24 10.55 -7.60
N MET A 220 13.62 9.71 -6.65
CA MET A 220 14.13 10.25 -5.41
C MET A 220 15.41 11.04 -5.63
N LYS A 221 16.34 10.53 -6.45
CA LYS A 221 17.61 11.21 -6.70
C LYS A 221 17.40 12.53 -7.43
N LYS A 222 16.38 12.63 -8.28
CA LYS A 222 16.12 13.85 -9.05
C LYS A 222 15.41 14.92 -8.23
N HIS A 223 14.95 14.59 -7.04
CA HIS A 223 14.25 15.54 -6.18
C HIS A 223 14.90 15.60 -4.79
N ARG A 224 16.24 15.75 -4.76
CA ARG A 224 16.97 15.82 -3.49
C ARG A 224 16.85 17.22 -2.88
#